data_6KHF
#
_entry.id   6KHF
#
_cell.length_a   61.819
_cell.length_b   114.978
_cell.length_c   158.284
_cell.angle_alpha   90.000
_cell.angle_beta   90.000
_cell.angle_gamma   90.000
#
_symmetry.space_group_name_H-M   'I 2 2 2'
#
loop_
_entity.id
_entity.type
_entity.pdbx_description
1 polymer 'Dual specificity protein kinase CLK3'
2 non-polymer '5-[(3-chlorophenyl)amino]benzo[c][2,6]naphthyridine-8-carboxylic acid'
3 water water
#
_entity_poly.entity_id   1
_entity_poly.type   'polypeptide(L)'
_entity_poly.pdbx_seq_one_letter_code
;MHHCKRYRSPEPDPYLSYRWKRRRSYSREHEGRLRYPSRREPPPRRSRSRSHDRLPYQRRYRERRDSDTYRCEERSPSFG
EDYYGPSRSRHRRRSRERGPYRTRKHAHHCHKRRTRSCSSASSRSQQSSKRSSRSVEDDKEGHLVCRIGDWLQEDYEIVG
NLGEGTFGKVVECLDHARGKSQVALKIIRNVGKYREAARLEINVLKKIKEKDKENKFLCVLMSDWFNFHGHMCIAFELLG
KNTFEFLKENNFQPYPLPHVRHMAYQLCHALRFLHENQLTHTDLKPENILFVNSEFETLYNEHKSCEEKSVKNTSIRVAD
FGSATFDHEHHTTIVATRHYRPPEVILELGWAQPCDVWSIGCILFEYYRGFTLFQTHENREHLVMMEKILGPIPSHMIHR
TRKQKYFYKGGLVWDENSSDGRYVKENCKPLKSYMLQDSLEHVQLFDLMRRMLEFDPAQRITLAEALLHPFFAGLTPEER
SFHTSRNPSR
;
_entity_poly.pdbx_strand_id   A
#
loop_
_chem_comp.id
_chem_comp.type
_chem_comp.name
_chem_comp.formula
3NG non-polymer '5-[(3-chlorophenyl)amino]benzo[c][2,6]naphthyridine-8-carboxylic acid' 'C19 H12 Cl N3 O2'
#
# COMPACT_ATOMS: atom_id res chain seq x y z
N GLY A 142 -26.55 -1.54 7.63
CA GLY A 142 -26.33 -0.16 8.00
C GLY A 142 -25.17 0.05 8.97
N HIS A 143 -25.06 1.28 9.46
CA HIS A 143 -23.92 1.68 10.30
C HIS A 143 -24.20 1.58 11.78
N LEU A 144 -23.69 2.54 12.54
CA LEU A 144 -23.86 2.50 13.98
C LEU A 144 -24.38 3.79 14.59
N VAL A 145 -25.14 3.62 15.66
CA VAL A 145 -25.85 4.67 16.38
C VAL A 145 -24.95 5.58 17.27
N CYS A 146 -24.09 6.39 16.66
CA CYS A 146 -23.07 7.08 17.46
C CYS A 146 -22.76 8.54 17.08
N ARG A 147 -22.93 9.45 18.05
CA ARG A 147 -22.41 10.83 17.95
C ARG A 147 -21.32 11.08 18.99
N ILE A 148 -20.73 12.27 18.91
CA ILE A 148 -19.55 12.62 19.72
C ILE A 148 -19.87 12.57 21.22
N GLY A 149 -18.90 12.14 22.03
CA GLY A 149 -19.07 12.11 23.47
C GLY A 149 -19.64 10.79 23.92
N ASP A 150 -20.22 10.04 22.99
CA ASP A 150 -20.81 8.74 23.28
C ASP A 150 -19.75 7.74 23.76
N TRP A 151 -20.14 6.78 24.59
CA TRP A 151 -19.15 5.83 25.13
C TRP A 151 -19.29 4.41 24.57
N LEU A 152 -18.16 3.74 24.42
CA LEU A 152 -18.13 2.36 23.99
C LEU A 152 -17.47 1.49 25.02
N GLN A 153 -18.15 0.40 25.36
CA GLN A 153 -17.73 -0.60 26.35
C GLN A 153 -17.17 -0.02 27.66
N GLU A 154 -17.43 1.28 27.89
CA GLU A 154 -17.05 1.97 29.12
C GLU A 154 -15.56 2.21 29.24
N ASP A 155 -14.89 2.18 28.09
CA ASP A 155 -13.46 2.48 28.00
C ASP A 155 -13.19 3.68 27.12
N TYR A 156 -13.93 3.77 26.01
CA TYR A 156 -13.68 4.80 25.04
C TYR A 156 -14.83 5.78 25.00
N GLU A 157 -14.50 7.04 24.75
CA GLU A 157 -15.52 8.06 24.46
C GLU A 157 -15.22 8.64 23.07
N ILE A 158 -16.22 8.60 22.21
CA ILE A 158 -16.08 9.14 20.86
C ILE A 158 -15.90 10.65 20.93
N VAL A 159 -14.72 11.13 20.55
CA VAL A 159 -14.47 12.57 20.58
C VAL A 159 -14.63 13.17 19.19
N GLY A 160 -14.63 12.31 18.16
CA GLY A 160 -14.84 12.75 16.79
C GLY A 160 -14.51 11.75 15.69
N ASN A 161 -14.88 12.08 14.46
CA ASN A 161 -14.66 11.17 13.33
C ASN A 161 -13.33 11.43 12.63
N LEU A 162 -12.66 10.34 12.29
CA LEU A 162 -11.37 10.35 11.59
C LEU A 162 -11.54 10.10 10.11
N GLY A 163 -12.62 9.40 9.79
CA GLY A 163 -12.91 9.04 8.42
C GLY A 163 -13.98 7.96 8.41
N GLU A 164 -14.54 7.71 7.24
CA GLU A 164 -15.62 6.75 7.11
C GLU A 164 -15.55 6.18 5.72
N GLY A 165 -15.76 4.88 5.61
CA GLY A 165 -15.62 4.26 4.32
C GLY A 165 -16.62 3.16 4.07
N THR A 166 -16.35 2.40 3.01
CA THR A 166 -17.20 1.31 2.57
C THR A 166 -17.31 0.19 3.61
N PHE A 167 -16.44 0.20 4.63
CA PHE A 167 -16.45 -0.85 5.65
C PHE A 167 -17.13 -0.44 6.95
N GLY A 168 -17.22 0.85 7.18
CA GLY A 168 -17.69 1.38 8.44
C GLY A 168 -16.94 2.64 8.85
N LYS A 169 -16.85 2.87 10.15
CA LYS A 169 -16.33 4.14 10.65
C LYS A 169 -14.95 3.97 11.23
N VAL A 170 -14.22 5.08 11.36
CA VAL A 170 -13.01 5.13 12.18
C VAL A 170 -13.03 6.43 12.98
N VAL A 171 -13.07 6.29 14.30
CA VAL A 171 -13.30 7.43 15.17
C VAL A 171 -12.16 7.64 16.15
N GLU A 172 -11.96 8.86 16.63
CA GLU A 172 -10.89 9.17 17.58
C GLU A 172 -11.38 9.03 19.02
N CYS A 173 -10.56 8.46 19.89
CA CYS A 173 -11.03 8.14 21.24
C CYS A 173 -9.99 8.34 22.33
N LEU A 174 -10.38 7.97 23.55
CA LEU A 174 -9.53 8.02 24.72
C LEU A 174 -9.87 6.81 25.59
N ASP A 175 -8.96 6.42 26.47
CA ASP A 175 -9.23 5.23 27.25
C ASP A 175 -9.22 5.50 28.75
N HIS A 176 -10.17 4.87 29.43
CA HIS A 176 -10.19 4.79 30.87
C HIS A 176 -8.85 4.23 31.40
N ALA A 177 -8.55 2.99 31.00
CA ALA A 177 -7.47 2.20 31.60
C ALA A 177 -6.08 2.36 30.98
N ARG A 178 -6.02 2.85 29.75
CA ARG A 178 -4.74 3.36 29.23
C ARG A 178 -4.59 4.81 29.66
N GLY A 179 -5.60 5.29 30.37
CA GLY A 179 -5.56 6.55 31.06
C GLY A 179 -5.16 7.71 30.18
N LYS A 180 -6.17 8.40 29.64
CA LYS A 180 -6.03 9.63 28.83
C LYS A 180 -5.66 9.32 27.38
N SER A 181 -5.53 8.03 27.05
CA SER A 181 -4.83 7.66 25.82
C SER A 181 -5.69 7.71 24.55
N GLN A 182 -5.24 8.47 23.55
CA GLN A 182 -5.93 8.60 22.25
C GLN A 182 -5.76 7.40 21.29
N VAL A 183 -6.83 6.95 20.66
CA VAL A 183 -6.77 5.86 19.70
C VAL A 183 -7.72 6.06 18.52
N ALA A 184 -7.32 5.56 17.35
CA ALA A 184 -8.23 5.39 16.23
C ALA A 184 -9.02 4.12 16.49
N LEU A 185 -10.32 4.16 16.24
CA LEU A 185 -11.14 3.01 16.54
C LEU A 185 -11.95 2.57 15.33
N LYS A 186 -11.39 1.66 14.55
CA LYS A 186 -12.07 1.08 13.42
C LYS A 186 -13.32 0.40 13.95
N ILE A 187 -14.46 0.65 13.31
CA ILE A 187 -15.72 0.05 13.72
C ILE A 187 -16.47 -0.54 12.55
N ILE A 188 -16.35 -1.84 12.37
CA ILE A 188 -16.96 -2.52 11.23
C ILE A 188 -18.47 -2.58 11.38
N ARG A 189 -19.17 -2.35 10.27
CA ARG A 189 -20.62 -2.39 10.28
C ARG A 189 -21.18 -3.73 10.74
N ASN A 190 -22.50 -3.78 10.89
CA ASN A 190 -23.14 -4.92 11.51
C ASN A 190 -23.64 -5.95 10.51
N VAL A 191 -23.05 -6.00 9.33
CA VAL A 191 -23.51 -6.95 8.33
C VAL A 191 -22.64 -8.20 8.39
N GLY A 192 -23.25 -9.37 8.21
CA GLY A 192 -22.53 -10.63 8.32
C GLY A 192 -21.16 -10.72 7.66
N LYS A 193 -21.07 -10.30 6.40
CA LYS A 193 -19.86 -10.53 5.62
C LYS A 193 -18.70 -9.64 6.08
N TYR A 194 -18.99 -8.38 6.39
CA TYR A 194 -17.95 -7.48 6.85
C TYR A 194 -17.44 -7.89 8.22
N ARG A 195 -18.31 -8.51 9.02
CA ARG A 195 -17.95 -8.99 10.34
C ARG A 195 -16.93 -10.14 10.25
N GLU A 196 -17.34 -11.21 9.57
CA GLU A 196 -16.45 -12.37 9.35
C GLU A 196 -15.15 -11.94 8.70
N ALA A 197 -15.19 -10.86 7.93
CA ALA A 197 -13.99 -10.36 7.27
C ALA A 197 -13.08 -9.71 8.29
N ALA A 198 -13.65 -8.84 9.12
CA ALA A 198 -12.88 -8.17 10.15
C ALA A 198 -12.19 -9.19 11.04
N ARG A 199 -12.89 -10.26 11.37
CA ARG A 199 -12.34 -11.32 12.22
C ARG A 199 -11.01 -11.84 11.67
N LEU A 200 -11.02 -12.24 10.39
CA LEU A 200 -9.81 -12.60 9.68
C LEU A 200 -8.72 -11.56 9.79
N GLU A 201 -9.12 -10.29 9.71
CA GLU A 201 -8.18 -9.18 9.82
C GLU A 201 -7.56 -9.16 11.21
N ILE A 202 -8.37 -9.52 12.19
CA ILE A 202 -7.93 -9.41 13.57
C ILE A 202 -6.90 -10.49 13.77
N ASN A 203 -7.18 -11.66 13.21
CA ASN A 203 -6.26 -12.77 13.27
C ASN A 203 -4.92 -12.33 12.75
N VAL A 204 -4.94 -11.60 11.64
CA VAL A 204 -3.71 -11.05 11.08
C VAL A 204 -3.03 -10.13 12.06
N LEU A 205 -3.77 -9.16 12.60
CA LEU A 205 -3.17 -8.19 13.51
C LEU A 205 -2.64 -8.88 14.78
N LYS A 206 -3.31 -9.95 15.21
CA LYS A 206 -2.84 -10.77 16.34
C LYS A 206 -1.50 -11.41 16.04
N LYS A 207 -1.38 -12.08 14.89
CA LYS A 207 -0.11 -12.64 14.44
C LYS A 207 0.99 -11.57 14.33
N ILE A 208 0.65 -10.42 13.78
CA ILE A 208 1.62 -9.33 13.67
C ILE A 208 2.08 -8.88 15.04
N LYS A 209 1.20 -9.02 16.02
CA LYS A 209 1.47 -8.51 17.34
C LYS A 209 2.22 -9.53 18.20
N GLU A 210 2.45 -10.74 17.69
CA GLU A 210 3.21 -11.74 18.43
C GLU A 210 4.53 -12.20 17.80
N LYS A 211 4.92 -11.56 16.71
CA LYS A 211 6.25 -11.78 16.13
C LYS A 211 7.08 -10.52 16.38
N ASP A 212 6.54 -9.39 15.94
CA ASP A 212 7.05 -8.05 16.26
C ASP A 212 7.13 -7.90 17.77
N LYS A 213 8.07 -8.61 18.42
CA LYS A 213 8.11 -8.76 19.89
C LYS A 213 8.01 -7.42 20.64
N GLU A 214 9.07 -6.60 20.66
CA GLU A 214 8.81 -5.18 20.89
C GLU A 214 8.84 -4.62 19.46
N ASN A 215 8.15 -3.51 19.23
CA ASN A 215 7.61 -3.23 17.91
C ASN A 215 8.41 -2.32 17.00
N LYS A 216 9.34 -3.01 16.33
CA LYS A 216 10.37 -2.40 15.52
C LYS A 216 10.02 -2.50 14.02
N PHE A 217 8.79 -2.92 13.72
CA PHE A 217 8.51 -3.28 12.33
C PHE A 217 7.44 -2.43 11.65
N LEU A 218 7.05 -1.34 12.29
CA LEU A 218 6.36 -0.25 11.60
C LEU A 218 5.01 -0.67 11.07
N CYS A 219 4.43 -1.70 11.68
CA CYS A 219 3.07 -2.03 11.34
C CYS A 219 2.16 -1.36 12.35
N VAL A 220 0.99 -0.97 11.88
CA VAL A 220 0.02 -0.42 12.80
C VAL A 220 -0.21 -1.42 13.90
N LEU A 221 -0.24 -0.91 15.14
CA LEU A 221 -0.40 -1.72 16.34
C LEU A 221 -1.83 -1.77 16.84
N MET A 222 -2.36 -2.98 16.94
CA MET A 222 -3.68 -3.16 17.54
C MET A 222 -3.55 -3.14 19.06
N SER A 223 -4.30 -2.24 19.71
CA SER A 223 -4.21 -2.13 21.16
C SER A 223 -5.38 -2.84 21.82
N ASP A 224 -6.49 -3.01 21.08
CA ASP A 224 -7.60 -3.81 21.59
C ASP A 224 -8.62 -4.13 20.49
N TRP A 225 -9.37 -5.20 20.70
CA TRP A 225 -10.46 -5.55 19.80
C TRP A 225 -11.64 -6.12 20.61
N PHE A 226 -12.83 -6.07 20.05
CA PHE A 226 -14.01 -6.63 20.71
C PHE A 226 -15.23 -6.67 19.81
N ASN A 227 -16.23 -7.39 20.29
CA ASN A 227 -17.45 -7.61 19.55
C ASN A 227 -18.56 -6.74 20.09
N PHE A 228 -18.45 -5.42 19.95
CA PHE A 228 -19.48 -4.56 20.53
C PHE A 228 -20.77 -4.66 19.74
N HIS A 229 -21.61 -5.60 20.17
CA HIS A 229 -22.93 -5.82 19.60
C HIS A 229 -22.86 -5.95 18.07
N GLY A 230 -22.28 -7.05 17.59
CA GLY A 230 -22.20 -7.33 16.16
C GLY A 230 -21.23 -6.45 15.36
N HIS A 231 -21.03 -5.22 15.82
CA HIS A 231 -20.04 -4.35 15.21
C HIS A 231 -18.66 -4.68 15.79
N MET A 232 -17.83 -5.34 14.98
CA MET A 232 -16.45 -5.61 15.37
C MET A 232 -15.70 -4.29 15.54
N CYS A 233 -14.93 -4.14 16.61
CA CYS A 233 -14.20 -2.90 16.83
C CYS A 233 -12.72 -3.15 17.13
N ILE A 234 -11.85 -2.35 16.52
CA ILE A 234 -10.42 -2.49 16.75
C ILE A 234 -9.74 -1.15 17.07
N ALA A 235 -9.06 -1.12 18.22
CA ALA A 235 -8.38 0.07 18.69
C ALA A 235 -6.95 0.09 18.16
N PHE A 236 -6.66 1.08 17.33
CA PHE A 236 -5.30 1.28 16.85
C PHE A 236 -4.69 2.52 17.50
N GLU A 237 -3.37 2.56 17.61
CA GLU A 237 -2.77 3.74 18.20
C GLU A 237 -2.80 4.92 17.21
N LEU A 238 -3.35 6.04 17.67
CA LEU A 238 -3.64 7.22 16.84
C LEU A 238 -2.40 7.85 16.17
N LEU A 239 -2.50 8.09 14.87
CA LEU A 239 -1.38 8.60 14.07
C LEU A 239 -1.76 9.83 13.25
N GLY A 240 -0.87 10.26 12.37
CA GLY A 240 -1.07 11.47 11.60
C GLY A 240 -1.96 11.33 10.38
N LYS A 241 -1.49 11.89 9.26
CA LYS A 241 -2.17 11.76 7.99
C LYS A 241 -1.44 10.74 7.13
N ASN A 242 -2.14 10.15 6.17
CA ASN A 242 -1.50 9.18 5.32
C ASN A 242 -0.76 9.87 4.19
N THR A 243 0.22 9.16 3.62
CA THR A 243 1.16 9.78 2.70
C THR A 243 0.47 10.41 1.47
N PHE A 244 -0.79 10.09 1.26
CA PHE A 244 -1.53 10.67 0.13
C PHE A 244 -2.26 11.99 0.46
N GLU A 245 -2.86 12.08 1.64
CA GLU A 245 -3.51 13.33 2.05
C GLU A 245 -2.46 14.42 2.04
N PHE A 246 -1.39 14.18 2.77
CA PHE A 246 -0.30 15.12 2.83
C PHE A 246 0.20 15.49 1.44
N LEU A 247 0.19 14.53 0.53
CA LEU A 247 0.61 14.84 -0.84
C LEU A 247 -0.45 15.72 -1.52
N LYS A 248 -1.73 15.47 -1.22
CA LYS A 248 -2.81 16.25 -1.76
C LYS A 248 -2.74 17.67 -1.20
N GLU A 249 -2.60 17.77 0.12
CA GLU A 249 -2.55 19.08 0.75
C GLU A 249 -1.37 19.91 0.22
N ASN A 250 -0.31 19.24 -0.21
CA ASN A 250 0.83 19.93 -0.81
C ASN A 250 0.68 20.12 -2.32
N ASN A 251 -0.54 20.02 -2.81
CA ASN A 251 -0.83 20.13 -4.23
C ASN A 251 0.03 19.18 -5.07
N PHE A 252 0.10 17.93 -4.61
CA PHE A 252 0.75 16.83 -5.32
C PHE A 252 2.16 17.13 -5.76
N GLN A 253 2.99 17.66 -4.88
CA GLN A 253 4.36 17.87 -5.28
C GLN A 253 5.24 17.04 -4.36
N PRO A 254 6.22 16.38 -4.96
CA PRO A 254 6.96 15.25 -4.37
C PRO A 254 7.65 15.50 -3.05
N TYR A 255 7.88 14.41 -2.33
CA TYR A 255 8.79 14.44 -1.20
C TYR A 255 10.20 14.47 -1.78
N PRO A 256 11.09 15.25 -1.16
CA PRO A 256 12.47 15.21 -1.63
C PRO A 256 13.05 13.79 -1.51
N LEU A 257 14.14 13.53 -2.21
CA LEU A 257 14.74 12.21 -2.20
C LEU A 257 15.04 11.64 -0.82
N PRO A 258 15.63 12.43 0.09
CA PRO A 258 15.89 11.81 1.40
C PRO A 258 14.60 11.40 2.09
N HIS A 259 13.53 12.14 1.83
CA HIS A 259 12.22 11.79 2.37
C HIS A 259 11.76 10.44 1.79
N VAL A 260 11.81 10.33 0.47
CA VAL A 260 11.50 9.08 -0.21
C VAL A 260 12.34 7.94 0.37
N ARG A 261 13.65 8.10 0.28
CA ARG A 261 14.61 7.08 0.68
C ARG A 261 14.32 6.50 2.06
N HIS A 262 13.91 7.34 3.00
CA HIS A 262 13.62 6.84 4.35
C HIS A 262 12.28 6.11 4.38
N MET A 263 11.34 6.57 3.56
CA MET A 263 10.03 5.96 3.52
C MET A 263 10.14 4.61 2.85
N ALA A 264 10.86 4.58 1.73
CA ALA A 264 11.14 3.32 1.06
C ALA A 264 11.77 2.33 2.02
N TYR A 265 12.75 2.80 2.79
CA TYR A 265 13.45 1.95 3.73
C TYR A 265 12.49 1.35 4.71
N GLN A 266 11.63 2.18 5.28
CA GLN A 266 10.66 1.66 6.21
C GLN A 266 9.75 0.65 5.51
N LEU A 267 9.16 1.07 4.40
CA LEU A 267 8.26 0.21 3.65
C LEU A 267 8.89 -1.16 3.36
N CYS A 268 10.10 -1.19 2.81
CA CYS A 268 10.72 -2.49 2.50
C CYS A 268 10.82 -3.32 3.75
N HIS A 269 11.42 -2.73 4.77
CA HIS A 269 11.61 -3.36 6.06
C HIS A 269 10.29 -3.83 6.67
N ALA A 270 9.24 -3.01 6.53
CA ALA A 270 7.98 -3.36 7.17
C ALA A 270 7.37 -4.57 6.50
N LEU A 271 7.44 -4.63 5.19
CA LEU A 271 6.73 -5.67 4.47
C LEU A 271 7.55 -6.96 4.42
N ARG A 272 8.87 -6.80 4.45
CA ARG A 272 9.77 -7.96 4.48
C ARG A 272 9.44 -8.75 5.74
N PHE A 273 9.25 -8.03 6.84
CA PHE A 273 8.79 -8.64 8.07
C PHE A 273 7.48 -9.35 7.87
N LEU A 274 6.61 -8.76 7.07
CA LEU A 274 5.33 -9.38 6.83
C LEU A 274 5.47 -10.61 5.97
N HIS A 275 6.36 -10.52 4.99
CA HIS A 275 6.52 -11.58 4.03
C HIS A 275 7.23 -12.79 4.62
N GLU A 276 8.05 -12.57 5.63
CA GLU A 276 8.77 -13.68 6.22
C GLU A 276 7.86 -14.38 7.23
N ASN A 277 6.65 -13.86 7.38
CA ASN A 277 5.64 -14.51 8.21
C ASN A 277 4.43 -14.99 7.40
N GLN A 278 4.70 -15.50 6.20
CA GLN A 278 3.67 -16.08 5.32
C GLN A 278 2.53 -15.12 5.01
N LEU A 279 2.82 -13.82 4.89
CA LEU A 279 1.76 -12.87 4.59
C LEU A 279 1.99 -12.04 3.35
N THR A 280 0.89 -11.62 2.76
CA THR A 280 0.93 -10.59 1.74
C THR A 280 -0.11 -9.56 2.12
N HIS A 281 0.30 -8.28 2.25
CA HIS A 281 -0.65 -7.17 2.38
C HIS A 281 -1.20 -7.09 1.01
N THR A 282 -2.49 -7.03 0.76
CA THR A 282 -2.73 -7.03 -0.69
C THR A 282 -3.17 -5.70 -1.21
N ASP A 283 -2.95 -4.65 -0.43
CA ASP A 283 -3.59 -3.37 -0.66
C ASP A 283 -2.71 -2.17 -0.28
N LEU A 284 -1.45 -2.21 -0.67
CA LEU A 284 -0.56 -1.10 -0.41
C LEU A 284 -0.84 -0.02 -1.41
N LYS A 285 -0.79 1.23 -0.92
CA LYS A 285 -1.15 2.44 -1.65
C LYS A 285 -1.00 3.59 -0.66
N PRO A 286 -0.53 4.77 -1.12
CA PRO A 286 -0.18 5.86 -0.19
C PRO A 286 -1.27 6.15 0.87
N GLU A 287 -2.54 5.97 0.53
CA GLU A 287 -3.66 6.12 1.49
C GLU A 287 -3.52 5.21 2.71
N ASN A 288 -2.80 4.09 2.56
CA ASN A 288 -2.69 3.07 3.60
C ASN A 288 -1.37 3.11 4.39
N ILE A 289 -0.51 4.06 4.06
CA ILE A 289 0.72 4.32 4.80
C ILE A 289 0.59 5.58 5.68
N LEU A 290 0.67 5.41 6.99
CA LEU A 290 0.49 6.52 7.91
C LEU A 290 1.80 7.11 8.46
N PHE A 291 1.91 8.45 8.45
CA PHE A 291 2.91 9.19 9.23
C PHE A 291 2.55 9.12 10.70
N VAL A 292 3.53 8.76 11.54
CA VAL A 292 3.31 8.73 12.98
C VAL A 292 2.76 10.06 13.44
N ASN A 293 3.35 11.12 12.90
CA ASN A 293 2.85 12.48 13.04
C ASN A 293 3.26 13.32 11.85
N SER A 294 2.29 13.97 11.21
CA SER A 294 2.54 14.73 9.98
C SER A 294 2.56 16.25 10.18
N GLU A 295 3.32 16.70 11.19
CA GLU A 295 3.63 18.11 11.35
C GLU A 295 4.47 18.54 10.14
N PHE A 296 4.20 19.72 9.61
CA PHE A 296 4.86 20.15 8.37
C PHE A 296 6.01 21.13 8.64
N SER A 310 7.29 20.37 3.39
CA SER A 310 8.05 19.33 4.06
C SER A 310 7.47 18.90 5.40
N VAL A 311 7.12 17.61 5.50
CA VAL A 311 6.75 17.00 6.77
C VAL A 311 8.01 16.78 7.64
N LYS A 312 7.89 17.12 8.92
CA LYS A 312 9.06 17.20 9.79
C LYS A 312 9.66 15.84 10.09
N ASN A 313 8.81 14.84 10.27
CA ASN A 313 9.30 13.50 10.58
C ASN A 313 8.74 12.39 9.68
N THR A 314 9.62 11.77 8.91
CA THR A 314 9.24 10.75 7.95
C THR A 314 9.09 9.31 8.53
N SER A 315 8.84 9.17 9.83
CA SER A 315 8.50 7.86 10.38
C SER A 315 7.10 7.49 9.94
N ILE A 316 6.97 6.29 9.38
CA ILE A 316 5.69 5.87 8.84
C ILE A 316 5.17 4.56 9.45
N ARG A 317 3.90 4.28 9.19
CA ARG A 317 3.27 3.04 9.62
C ARG A 317 2.49 2.46 8.46
N VAL A 318 2.37 1.14 8.43
CA VAL A 318 1.53 0.46 7.44
C VAL A 318 0.21 0.09 8.10
N ALA A 319 -0.91 0.38 7.44
CA ALA A 319 -2.22 0.16 8.06
C ALA A 319 -3.18 -0.69 7.22
N ASP A 320 -4.38 -0.90 7.73
CA ASP A 320 -5.46 -1.52 6.99
C ASP A 320 -5.11 -2.90 6.44
N PHE A 321 -4.96 -3.85 7.35
CA PHE A 321 -4.63 -5.21 6.99
C PHE A 321 -5.89 -5.98 6.70
N GLY A 322 -6.93 -5.27 6.26
CA GLY A 322 -8.21 -5.89 5.96
C GLY A 322 -8.18 -6.81 4.75
N SER A 323 -7.02 -6.88 4.11
CA SER A 323 -6.89 -7.71 2.91
C SER A 323 -5.70 -8.66 3.01
N ALA A 324 -4.93 -8.55 4.10
CA ALA A 324 -3.72 -9.35 4.26
C ALA A 324 -4.06 -10.83 4.23
N THR A 325 -3.36 -11.57 3.39
CA THR A 325 -3.69 -12.96 3.17
C THR A 325 -2.50 -13.87 3.51
N PHE A 326 -2.77 -14.96 4.23
CA PHE A 326 -1.70 -15.89 4.58
C PHE A 326 -1.40 -16.84 3.44
N ASP A 327 -0.21 -17.44 3.46
CA ASP A 327 0.20 -18.43 2.47
C ASP A 327 -0.84 -19.59 2.33
N HIS A 328 -1.33 -20.25 3.39
CA HIS A 328 -2.44 -21.19 3.12
C HIS A 328 -3.69 -20.59 2.54
N GLU A 329 -4.05 -19.37 2.86
CA GLU A 329 -5.43 -18.95 2.61
C GLU A 329 -5.80 -19.00 1.13
N HIS A 330 -7.10 -19.09 0.87
CA HIS A 330 -7.57 -18.99 -0.49
C HIS A 330 -7.10 -17.66 -1.06
N HIS A 331 -6.45 -17.69 -2.22
CA HIS A 331 -6.20 -16.45 -2.93
C HIS A 331 -7.27 -16.17 -3.98
N THR A 332 -7.93 -15.03 -3.78
CA THR A 332 -8.81 -14.38 -4.74
C THR A 332 -8.09 -14.18 -6.06
N THR A 333 -8.79 -14.19 -7.19
CA THR A 333 -8.11 -13.95 -8.45
C THR A 333 -7.57 -12.53 -8.59
N ILE A 334 -8.43 -11.55 -8.30
CA ILE A 334 -8.05 -10.14 -8.43
C ILE A 334 -7.83 -9.56 -7.06
N VAL A 335 -6.76 -8.79 -6.86
CA VAL A 335 -6.53 -8.43 -5.50
C VAL A 335 -6.05 -7.01 -5.21
N ALA A 336 -5.42 -6.31 -6.14
CA ALA A 336 -4.99 -4.99 -5.67
C ALA A 336 -5.93 -3.84 -6.06
N THR A 337 -5.58 -2.65 -5.58
CA THR A 337 -6.08 -1.39 -6.11
C THR A 337 -5.58 -1.15 -7.51
N ARG A 338 -6.49 -0.93 -8.45
CA ARG A 338 -6.18 -0.82 -9.88
C ARG A 338 -4.80 -0.21 -10.15
N HIS A 339 -4.50 0.90 -9.50
CA HIS A 339 -3.27 1.63 -9.73
C HIS A 339 -2.03 0.91 -9.27
N TYR A 340 -2.21 -0.01 -8.33
CA TYR A 340 -1.06 -0.63 -7.69
C TYR A 340 -1.00 -2.13 -7.97
N ARG A 341 -1.80 -2.52 -8.97
CA ARG A 341 -2.03 -3.92 -9.33
C ARG A 341 -0.97 -4.42 -10.30
N PRO A 342 -0.34 -5.58 -10.01
CA PRO A 342 0.74 -6.05 -10.88
C PRO A 342 0.30 -6.86 -12.10
N PRO A 343 1.16 -6.93 -13.13
CA PRO A 343 0.76 -7.64 -14.36
C PRO A 343 0.31 -9.09 -14.10
N GLU A 344 0.97 -9.81 -13.20
CA GLU A 344 0.56 -11.17 -12.93
C GLU A 344 -0.91 -11.24 -12.46
N VAL A 345 -1.42 -10.20 -11.82
CA VAL A 345 -2.81 -10.27 -11.39
C VAL A 345 -3.73 -9.87 -12.53
N ILE A 346 -3.31 -8.89 -13.32
CA ILE A 346 -4.15 -8.48 -14.42
C ILE A 346 -4.34 -9.67 -15.35
N LEU A 347 -3.23 -10.32 -15.68
CA LEU A 347 -3.20 -11.49 -16.56
C LEU A 347 -3.65 -12.78 -15.88
N GLU A 348 -4.10 -12.68 -14.63
CA GLU A 348 -4.57 -13.82 -13.81
C GLU A 348 -3.65 -15.05 -13.77
N LEU A 349 -2.37 -14.79 -13.49
CA LEU A 349 -1.36 -15.81 -13.36
C LEU A 349 -1.05 -16.25 -11.92
N GLY A 350 -1.95 -15.98 -10.99
CA GLY A 350 -1.68 -16.25 -9.60
C GLY A 350 -0.75 -15.19 -9.03
N TRP A 351 -0.83 -14.97 -7.73
CA TRP A 351 -0.01 -13.95 -7.09
C TRP A 351 0.45 -14.46 -5.72
N ALA A 352 1.44 -13.78 -5.16
CA ALA A 352 1.81 -14.01 -3.78
C ALA A 352 2.50 -12.74 -3.26
N GLN A 353 3.59 -12.90 -2.52
CA GLN A 353 4.24 -11.75 -1.93
C GLN A 353 4.75 -10.73 -2.96
N PRO A 354 5.35 -11.17 -4.08
CA PRO A 354 5.82 -10.19 -5.05
C PRO A 354 4.83 -9.10 -5.42
N CYS A 355 3.54 -9.39 -5.36
CA CYS A 355 2.48 -8.41 -5.53
C CYS A 355 2.81 -7.12 -4.80
N ASP A 356 3.20 -7.28 -3.55
CA ASP A 356 3.49 -6.17 -2.68
C ASP A 356 4.62 -5.34 -3.21
N VAL A 357 5.65 -5.99 -3.73
CA VAL A 357 6.84 -5.31 -4.22
C VAL A 357 6.49 -4.46 -5.42
N TRP A 358 5.61 -4.97 -6.28
CA TRP A 358 5.20 -4.18 -7.43
C TRP A 358 4.55 -2.88 -6.93
N SER A 359 3.60 -3.02 -6.01
CA SER A 359 2.88 -1.91 -5.48
C SER A 359 3.83 -0.90 -4.91
N ILE A 360 4.79 -1.42 -4.17
CA ILE A 360 5.72 -0.59 -3.43
C ILE A 360 6.49 0.26 -4.42
N GLY A 361 6.79 -0.31 -5.59
CA GLY A 361 7.45 0.44 -6.66
C GLY A 361 6.57 1.59 -7.10
N CYS A 362 5.33 1.27 -7.45
CA CYS A 362 4.36 2.29 -7.79
C CYS A 362 4.32 3.37 -6.72
N ILE A 363 4.38 2.96 -5.47
CA ILE A 363 4.20 3.92 -4.40
C ILE A 363 5.38 4.86 -4.33
N LEU A 364 6.59 4.33 -4.48
CA LEU A 364 7.80 5.14 -4.43
C LEU A 364 7.87 6.08 -5.59
N PHE A 365 7.32 5.66 -6.73
CA PHE A 365 7.25 6.55 -7.89
C PHE A 365 6.42 7.77 -7.56
N GLU A 366 5.24 7.50 -6.99
CA GLU A 366 4.30 8.54 -6.62
C GLU A 366 4.90 9.54 -5.63
N TYR A 367 5.66 9.03 -4.66
CA TYR A 367 6.35 9.88 -3.70
C TYR A 367 7.33 10.84 -4.36
N TYR A 368 8.06 10.32 -5.35
CA TYR A 368 9.14 11.05 -6.00
C TYR A 368 8.65 12.04 -7.05
N ARG A 369 7.43 11.86 -7.52
CA ARG A 369 6.92 12.73 -8.57
C ARG A 369 5.61 13.38 -8.22
N GLY A 370 4.94 12.90 -7.18
CA GLY A 370 3.69 13.51 -6.75
C GLY A 370 2.47 12.89 -7.41
N PHE A 371 2.65 12.16 -8.51
CA PHE A 371 1.47 11.58 -9.18
C PHE A 371 1.53 10.06 -9.44
N THR A 372 0.37 9.40 -9.31
CA THR A 372 0.22 7.96 -9.61
C THR A 372 0.88 7.55 -10.93
N LEU A 373 1.54 6.40 -10.91
CA LEU A 373 2.33 5.98 -12.06
C LEU A 373 1.46 5.41 -13.18
N PHE A 374 0.39 4.72 -12.80
CA PHE A 374 -0.50 4.11 -13.78
C PHE A 374 -1.90 4.66 -13.54
N GLN A 375 -2.10 5.90 -13.95
CA GLN A 375 -3.39 6.53 -13.79
C GLN A 375 -4.34 5.90 -14.79
N THR A 376 -4.94 4.77 -14.46
CA THR A 376 -5.75 4.11 -15.46
C THR A 376 -7.00 3.52 -14.87
N HIS A 377 -7.86 3.01 -15.75
CA HIS A 377 -9.14 2.46 -15.33
C HIS A 377 -9.47 1.10 -15.97
N GLU A 378 -8.90 0.79 -17.13
CA GLU A 378 -9.16 -0.50 -17.76
C GLU A 378 -7.87 -1.34 -17.83
N ASN A 379 -8.04 -2.66 -17.92
CA ASN A 379 -6.88 -3.54 -17.95
C ASN A 379 -6.03 -3.31 -19.18
N ARG A 380 -6.67 -3.23 -20.33
CA ARG A 380 -5.90 -3.10 -21.55
C ARG A 380 -5.03 -1.87 -21.53
N GLU A 381 -5.62 -0.72 -21.18
CA GLU A 381 -4.86 0.51 -21.06
C GLU A 381 -3.71 0.33 -20.07
N HIS A 382 -4.05 -0.21 -18.91
CA HIS A 382 -3.07 -0.49 -17.88
C HIS A 382 -1.85 -1.25 -18.43
N LEU A 383 -2.09 -2.27 -19.27
CA LEU A 383 -0.99 -3.08 -19.81
C LEU A 383 -0.14 -2.24 -20.75
N VAL A 384 -0.82 -1.49 -21.62
CA VAL A 384 -0.17 -0.57 -22.57
C VAL A 384 0.69 0.47 -21.87
N MET A 385 0.19 1.01 -20.77
CA MET A 385 1.00 1.91 -19.96
C MET A 385 2.27 1.20 -19.54
N MET A 386 2.08 -0.04 -19.03
CA MET A 386 3.20 -0.85 -18.56
C MET A 386 4.23 -1.00 -19.64
N GLU A 387 3.78 -1.37 -20.84
CA GLU A 387 4.72 -1.58 -21.93
C GLU A 387 5.50 -0.32 -22.28
N LYS A 388 4.80 0.82 -22.41
CA LYS A 388 5.49 2.06 -22.78
C LYS A 388 6.50 2.49 -21.73
N ILE A 389 6.20 2.28 -20.46
CA ILE A 389 7.09 2.74 -19.40
C ILE A 389 8.21 1.76 -19.07
N LEU A 390 7.92 0.47 -19.12
CA LEU A 390 8.85 -0.51 -18.57
C LEU A 390 9.46 -1.40 -19.65
N GLY A 391 8.79 -1.52 -20.80
CA GLY A 391 9.26 -2.40 -21.85
C GLY A 391 8.20 -3.43 -22.19
N PRO A 392 8.43 -4.19 -23.27
CA PRO A 392 7.49 -5.21 -23.76
C PRO A 392 7.23 -6.30 -22.72
N ILE A 393 6.02 -6.83 -22.71
CA ILE A 393 5.62 -7.83 -21.74
C ILE A 393 6.29 -9.14 -22.14
N PRO A 394 7.01 -9.77 -21.20
CA PRO A 394 7.79 -11.00 -21.44
C PRO A 394 6.95 -12.07 -22.10
N SER A 395 7.46 -12.58 -23.19
CA SER A 395 6.72 -13.49 -24.06
C SER A 395 6.10 -14.70 -23.32
N HIS A 396 6.85 -15.29 -22.39
CA HIS A 396 6.28 -16.44 -21.68
C HIS A 396 5.06 -16.10 -20.85
N MET A 397 4.99 -14.86 -20.37
CA MET A 397 3.82 -14.39 -19.62
C MET A 397 2.59 -14.29 -20.51
N ILE A 398 2.79 -14.03 -21.80
CA ILE A 398 1.66 -13.98 -22.73
C ILE A 398 1.19 -15.39 -23.14
N HIS A 399 2.14 -16.30 -23.38
CA HIS A 399 1.77 -17.69 -23.71
C HIS A 399 1.07 -18.36 -22.55
N ARG A 400 1.35 -17.85 -21.37
CA ARG A 400 0.86 -18.50 -20.18
C ARG A 400 -0.48 -17.96 -19.69
N THR A 401 -0.98 -16.88 -20.30
CA THR A 401 -2.18 -16.22 -19.83
C THR A 401 -3.46 -16.75 -20.41
N ARG A 402 -4.45 -16.95 -19.58
CA ARG A 402 -5.83 -17.12 -20.05
C ARG A 402 -6.39 -15.87 -20.79
N LYS A 403 -6.21 -14.68 -20.25
CA LYS A 403 -6.85 -13.49 -20.82
C LYS A 403 -6.29 -13.06 -22.17
N GLN A 404 -6.47 -13.89 -23.19
CA GLN A 404 -5.86 -13.60 -24.48
C GLN A 404 -6.60 -12.52 -25.26
N LYS A 405 -7.79 -12.14 -24.80
CA LYS A 405 -8.55 -11.08 -25.47
C LYS A 405 -7.67 -9.84 -25.65
N TYR A 406 -6.77 -9.62 -24.70
CA TYR A 406 -5.85 -8.49 -24.73
C TYR A 406 -4.75 -8.61 -25.78
N PHE A 407 -4.60 -9.75 -26.43
CA PHE A 407 -3.45 -9.91 -27.33
C PHE A 407 -3.78 -10.41 -28.72
N TYR A 408 -2.85 -10.19 -29.66
CA TYR A 408 -2.89 -10.85 -30.95
C TYR A 408 -1.48 -11.08 -31.49
N LYS A 409 -1.21 -12.33 -31.85
CA LYS A 409 0.11 -12.79 -32.27
C LYS A 409 1.21 -12.23 -31.37
N GLY A 410 1.05 -12.50 -30.07
CA GLY A 410 2.02 -12.12 -29.07
C GLY A 410 2.32 -10.63 -28.96
N GLY A 411 1.32 -9.80 -29.29
CA GLY A 411 1.42 -8.35 -29.18
C GLY A 411 0.13 -7.77 -28.62
N LEU A 412 0.23 -6.67 -27.87
CA LEU A 412 -0.97 -6.02 -27.30
C LEU A 412 -1.87 -5.36 -28.35
N VAL A 413 -3.16 -5.63 -28.29
CA VAL A 413 -4.09 -5.04 -29.22
C VAL A 413 -4.53 -3.68 -28.69
N TRP A 414 -4.20 -2.63 -29.43
CA TRP A 414 -4.41 -1.29 -28.95
C TRP A 414 -4.74 -0.33 -30.06
N ASP A 415 -5.88 0.34 -29.93
CA ASP A 415 -6.28 1.47 -30.79
C ASP A 415 -5.54 2.75 -30.36
N GLU A 416 -4.44 3.06 -31.02
CA GLU A 416 -3.63 4.20 -30.61
C GLU A 416 -4.37 5.54 -30.76
N ASN A 417 -5.47 5.53 -31.53
CA ASN A 417 -6.20 6.75 -31.84
C ASN A 417 -7.38 6.94 -30.90
N SER A 418 -7.60 5.97 -30.02
CA SER A 418 -8.66 6.09 -29.02
C SER A 418 -8.25 7.17 -28.04
N SER A 419 -9.21 7.65 -27.26
CA SER A 419 -8.92 8.67 -26.27
C SER A 419 -7.89 8.19 -25.25
N ASP A 420 -7.94 6.90 -24.88
CA ASP A 420 -6.95 6.37 -23.97
C ASP A 420 -5.61 6.16 -24.69
N GLY A 421 -5.68 5.77 -25.95
CA GLY A 421 -4.49 5.68 -26.78
C GLY A 421 -3.74 6.99 -26.85
N ARG A 422 -4.45 8.06 -27.20
CA ARG A 422 -3.84 9.38 -27.24
C ARG A 422 -3.33 9.82 -25.87
N TYR A 423 -4.08 9.48 -24.83
CA TYR A 423 -3.66 9.83 -23.48
C TYR A 423 -2.32 9.19 -23.12
N VAL A 424 -2.19 7.91 -23.50
CA VAL A 424 -0.97 7.17 -23.23
C VAL A 424 0.20 7.75 -24.02
N LYS A 425 -0.02 8.01 -25.30
CA LYS A 425 1.06 8.53 -26.15
C LYS A 425 1.57 9.88 -25.68
N GLU A 426 0.66 10.72 -25.18
CA GLU A 426 1.03 12.05 -24.71
C GLU A 426 1.74 12.01 -23.36
N ASN A 427 1.31 11.10 -22.49
CA ASN A 427 1.78 11.16 -21.11
C ASN A 427 2.77 10.09 -20.66
N CYS A 428 2.71 8.90 -21.26
CA CYS A 428 3.49 7.79 -20.75
C CYS A 428 4.84 7.71 -21.45
N LYS A 429 5.90 7.72 -20.65
CA LYS A 429 7.27 7.76 -21.15
C LYS A 429 8.10 6.67 -20.46
N PRO A 430 9.22 6.26 -21.07
CA PRO A 430 10.15 5.34 -20.42
C PRO A 430 10.46 5.79 -19.00
N LEU A 431 10.60 4.85 -18.09
CA LEU A 431 10.73 5.16 -16.69
C LEU A 431 11.93 6.05 -16.37
N LYS A 432 13.03 5.86 -17.08
CA LYS A 432 14.26 6.61 -16.84
C LYS A 432 14.00 8.11 -17.01
N SER A 433 13.16 8.42 -18.00
CA SER A 433 12.97 9.79 -18.39
C SER A 433 12.08 10.55 -17.41
N TYR A 434 11.55 9.89 -16.38
CA TYR A 434 10.78 10.59 -15.35
C TYR A 434 11.70 11.08 -14.24
N MET A 435 12.99 10.73 -14.32
CA MET A 435 13.96 11.20 -13.33
C MET A 435 14.05 12.71 -13.33
N LEU A 436 14.11 13.29 -12.14
CA LEU A 436 14.30 14.72 -12.01
C LEU A 436 15.78 15.09 -12.23
N GLN A 437 16.65 14.65 -11.33
CA GLN A 437 18.08 14.94 -11.43
C GLN A 437 18.89 13.72 -11.79
N ASP A 438 20.08 13.91 -12.36
CA ASP A 438 20.91 12.78 -12.80
C ASP A 438 22.03 12.40 -11.83
N SER A 439 21.94 12.86 -10.57
CA SER A 439 22.97 12.49 -9.59
C SER A 439 22.98 10.97 -9.35
N LEU A 440 23.81 10.50 -8.43
CA LEU A 440 23.86 9.06 -8.19
C LEU A 440 22.65 8.60 -7.37
N GLU A 441 22.37 9.28 -6.28
CA GLU A 441 21.27 8.91 -5.38
C GLU A 441 19.92 8.93 -6.08
N HIS A 442 19.87 9.46 -7.31
CA HIS A 442 18.63 9.44 -8.09
C HIS A 442 18.59 8.21 -8.98
N VAL A 443 19.69 7.91 -9.65
CA VAL A 443 19.72 6.77 -10.54
C VAL A 443 19.63 5.46 -9.74
N GLN A 444 20.23 5.45 -8.56
CA GLN A 444 20.10 4.34 -7.64
C GLN A 444 18.63 4.06 -7.32
N LEU A 445 17.93 5.11 -6.85
CA LEU A 445 16.49 4.98 -6.59
C LEU A 445 15.74 4.39 -7.77
N PHE A 446 16.01 4.89 -8.97
CA PHE A 446 15.29 4.39 -10.13
C PHE A 446 15.68 2.96 -10.47
N ASP A 447 16.95 2.61 -10.28
CA ASP A 447 17.39 1.23 -10.47
C ASP A 447 16.61 0.31 -9.54
N LEU A 448 16.42 0.74 -8.30
CA LEU A 448 15.59 -0.01 -7.37
C LEU A 448 14.16 -0.15 -7.93
N MET A 449 13.56 0.99 -8.30
CA MET A 449 12.20 0.97 -8.78
C MET A 449 12.01 0.02 -9.95
N ARG A 450 12.95 0.03 -10.89
CA ARG A 450 12.81 -0.80 -12.07
C ARG A 450 12.83 -2.28 -11.70
N ARG A 451 13.65 -2.62 -10.69
CA ARG A 451 13.77 -4.01 -10.24
C ARG A 451 12.51 -4.38 -9.44
N MET A 452 11.89 -3.38 -8.82
CA MET A 452 10.61 -3.57 -8.15
C MET A 452 9.47 -3.71 -9.14
N LEU A 453 9.66 -3.16 -10.35
CA LEU A 453 8.61 -3.23 -11.35
C LEU A 453 8.96 -4.22 -12.46
N GLU A 454 9.57 -5.35 -12.09
CA GLU A 454 9.85 -6.42 -13.04
C GLU A 454 8.53 -7.11 -13.32
N PHE A 455 8.20 -7.24 -14.60
CA PHE A 455 6.96 -7.87 -15.04
C PHE A 455 6.75 -9.23 -14.40
N ASP A 456 7.75 -10.09 -14.60
CA ASP A 456 7.81 -11.47 -14.11
C ASP A 456 7.96 -11.51 -12.60
N PRO A 457 6.93 -12.01 -11.89
CA PRO A 457 6.99 -11.97 -10.42
C PRO A 457 8.02 -12.97 -9.85
N ALA A 458 8.42 -13.97 -10.61
CA ALA A 458 9.50 -14.84 -10.15
C ALA A 458 10.86 -14.14 -10.23
N GLN A 459 10.99 -13.16 -11.12
CA GLN A 459 12.25 -12.42 -11.27
C GLN A 459 12.30 -11.16 -10.41
N ARG A 460 11.14 -10.57 -10.16
CA ARG A 460 11.06 -9.32 -9.43
C ARG A 460 11.82 -9.38 -8.11
N ILE A 461 12.62 -8.35 -7.84
CA ILE A 461 13.42 -8.31 -6.61
C ILE A 461 12.56 -8.57 -5.36
N THR A 462 13.16 -9.11 -4.32
CA THR A 462 12.49 -9.24 -3.03
C THR A 462 12.88 -8.16 -2.04
N LEU A 463 11.99 -7.85 -1.11
CA LEU A 463 12.26 -6.83 -0.11
C LEU A 463 13.48 -7.14 0.72
N ALA A 464 13.78 -8.43 0.89
CA ALA A 464 14.98 -8.83 1.58
C ALA A 464 16.19 -8.44 0.73
N GLU A 465 16.06 -8.58 -0.59
CA GLU A 465 17.11 -8.11 -1.49
C GLU A 465 17.12 -6.58 -1.62
N ALA A 466 15.94 -5.99 -1.63
CA ALA A 466 15.78 -4.54 -1.76
C ALA A 466 16.51 -3.78 -0.68
N LEU A 467 16.67 -4.42 0.48
CA LEU A 467 17.33 -3.82 1.62
C LEU A 467 18.85 -3.92 1.52
N LEU A 468 19.35 -4.60 0.50
CA LEU A 468 20.79 -4.67 0.25
C LEU A 468 21.14 -3.85 -0.94
N HIS A 469 20.51 -2.68 -1.05
CA HIS A 469 20.65 -1.84 -2.24
C HIS A 469 21.43 -0.59 -1.99
N PRO A 470 22.39 -0.30 -2.89
CA PRO A 470 23.21 0.91 -2.74
C PRO A 470 22.42 2.22 -2.61
N PHE A 471 21.12 2.22 -2.88
CA PHE A 471 20.35 3.46 -2.74
C PHE A 471 20.13 3.79 -1.26
N PHE A 472 20.12 2.76 -0.43
CA PHE A 472 19.82 2.98 0.98
C PHE A 472 21.08 3.40 1.74
N ALA A 473 22.19 3.44 1.02
CA ALA A 473 23.45 3.90 1.58
C ALA A 473 23.34 5.35 2.02
N GLY A 474 22.46 6.10 1.36
CA GLY A 474 22.28 7.50 1.69
C GLY A 474 21.43 7.78 2.93
N LEU A 475 21.43 6.87 3.89
CA LEU A 475 20.56 7.03 5.05
C LEU A 475 21.28 7.58 6.29
N THR A 476 20.60 8.45 7.04
CA THR A 476 21.04 8.80 8.40
C THR A 476 21.12 7.56 9.26
N PRO A 477 22.15 7.46 10.12
CA PRO A 477 22.14 6.36 11.10
C PRO A 477 20.97 6.41 12.10
N GLU A 478 20.35 7.57 12.32
CA GLU A 478 19.11 7.63 13.11
C GLU A 478 17.89 7.25 12.27
N GLU A 479 17.99 7.52 10.96
CA GLU A 479 17.08 6.96 9.96
C GLU A 479 17.16 5.43 9.95
N ARG A 480 18.39 4.91 10.06
CA ARG A 480 18.71 3.47 10.04
C ARG A 480 17.96 2.66 11.10
N SER A 481 17.51 3.34 12.16
CA SER A 481 16.62 2.74 13.15
C SER A 481 15.95 3.81 14.01
C1 3NG B . -6.68 4.20 10.09
C2 3NG B . -5.96 4.28 11.24
C3 3NG B . -5.45 3.12 11.87
C4 3NG B . -5.71 1.87 11.31
C5 3NG B . -6.46 1.77 10.15
C6 3NG B . -6.94 2.93 9.53
C7 3NG B . -6.18 6.67 11.21
C8 3NG B . -5.70 5.55 11.80
N9 3NG B . -7.17 5.35 9.47
C10 3NG B . -6.94 6.57 10.03
C11 3NG B . -5.19 8.04 12.90
N12 3NG B . -4.71 6.92 13.52
C13 3NG B . -4.94 5.68 12.99
C14 3NG B . -5.93 7.92 11.75
N15 3NG B . -7.57 7.44 9.10
C16 3NG B . -8.69 7.33 8.23
C17 3NG B . -9.69 6.38 8.27
C18 3NG B . -10.71 6.45 7.32
C19 3NG B . -10.72 7.46 6.37
C20 3NG B . -9.73 8.41 6.34
C21 3NG B . -8.73 8.34 7.28
CL22 3NG B . -12.02 5.30 7.27
C23 3NG B . -6.61 0.35 9.67
O24 3NG B . -5.80 -0.50 10.09
O25 3NG B . -7.51 0.01 8.83
#